data_5HY9
#
_entry.id   5HY9
#
_cell.length_a   151.813
_cell.length_b   151.813
_cell.length_c   113.869
_cell.angle_alpha   90.00
_cell.angle_beta   90.00
_cell.angle_gamma   120.00
#
_symmetry.space_group_name_H-M   'P 61 2 2'
#
loop_
_entity.id
_entity.type
_entity.pdbx_description
1 polymer 'Ig gamma-1 chain C region'
2 polymer 'Ig gamma-1 chain C region'
3 branched beta-D-galactopyranose-(1-4)-2-acetamido-2-deoxy-beta-D-glucopyranose-(1-2)-beta-D-mannopyranose-(1-6)-[2-acetamido-2-deoxy-beta-D-glucopyranose-(1-2)-beta-D-mannopyranose-(1-3)]beta-D-mannopyranose-(1-4)-2-acetamido-2-deoxy-beta-D-glucopyranose-(1-4)-[alpha-L-fucopyranose-(1-6)]2-acetamido-2-deoxy-beta-D-glucopyranose
4 branched 2-acetamido-2-deoxy-beta-D-glucopyranose-(1-2)-beta-D-mannopyranose-(1-3)-beta-D-mannopyranose-(1-4)-2-acetamido-2-deoxy-beta-D-glucopyranose-(1-4)-[alpha-L-fucopyranose-(1-6)]2-acetamido-2-deoxy-beta-D-glucopyranose
5 water water
#
loop_
_entity_poly.entity_id
_entity_poly.type
_entity_poly.pdbx_seq_one_letter_code
_entity_poly.pdbx_strand_id
1 'polypeptide(L)'
;DKTHTCPPCPAPELLGGPSVFLFPPKPKDTLMISRTPEVTCVVVDVSHEDPEVKFNWYVDGVEVHNAKTKPREEQYNSTY
RVVSVLTVLHQDWLNGKEYKCKVSNKALPAPIEKTISKAKGQPREPQVYTLPPCRDELTKNQVSLWCLVKGFYPSDIAVE
WESNGQPENNYKTTPPVLDSDGSFFLYSKLTVDKSRWQQGNVFSCSVMHEALHNHYTQKSLSLSPGK
;
A
2 'polypeptide(L)'
;DKTHTCPPCPAPELLGGPSVFLFPPKPKDTLMISRTPEVTCVVVDVSHEDPEVKFNWYVDGVEVHNAKTKPREEQYNSTY
RVVSVLTVLHQDWLNGKEYKCKVSNKALPAPIEKTISKAKGQPREPQVCTLPPSRDELTKNQVSLSCAVKGFYPSDIAVE
WESNGQPENNYKTTPPVLDSDGSFFLVSKLTVDKSRWQQGNVFSCSVMHEALHNHYTQKSLSLSPGK
;
B
#
# COMPACT_ATOMS: atom_id res chain seq x y z
N GLY A 17 -23.68 12.33 15.27
CA GLY A 17 -22.76 12.93 16.28
C GLY A 17 -21.31 12.98 15.79
N PRO A 18 -20.46 13.77 16.44
CA PRO A 18 -19.06 13.82 15.98
C PRO A 18 -18.34 12.47 16.08
N SER A 19 -17.35 12.20 15.23
CA SER A 19 -16.41 11.09 15.36
C SER A 19 -15.04 11.72 15.52
N VAL A 20 -14.09 10.94 16.02
CA VAL A 20 -12.73 11.35 16.30
C VAL A 20 -11.81 10.32 15.71
N PHE A 21 -10.72 10.72 15.07
CA PHE A 21 -9.74 9.79 14.55
C PHE A 21 -8.41 10.37 14.95
N LEU A 22 -7.42 9.51 15.18
CA LEU A 22 -6.19 9.90 15.88
C LEU A 22 -5.03 9.30 15.14
N PHE A 23 -4.15 10.13 14.60
CA PHE A 23 -3.11 9.57 13.74
C PHE A 23 -1.72 9.57 14.35
N PRO A 24 -0.92 8.55 14.06
CA PRO A 24 0.43 8.66 14.62
C PRO A 24 1.33 9.55 13.75
N PRO A 25 2.59 9.78 14.20
CA PRO A 25 3.65 10.42 13.51
C PRO A 25 4.04 9.69 12.27
N LYS A 26 4.55 10.39 11.27
CA LYS A 26 5.19 9.75 10.15
C LYS A 26 6.45 9.06 10.55
N PRO A 27 6.68 7.88 9.98
CA PRO A 27 7.89 7.06 10.24
C PRO A 27 9.18 7.85 10.11
N LYS A 28 9.31 8.67 9.05
CA LYS A 28 10.55 9.44 8.75
C LYS A 28 10.81 10.42 9.86
N ASP A 29 9.73 11.08 10.29
CA ASP A 29 9.75 11.97 11.43
C ASP A 29 10.08 11.29 12.74
N THR A 30 9.72 10.03 12.92
CA THR A 30 10.05 9.47 14.25
C THR A 30 11.49 9.14 14.26
N LEU A 31 12.06 8.92 13.09
CA LEU A 31 13.37 8.25 13.01
C LEU A 31 14.56 9.15 12.86
N MET A 32 14.28 10.46 12.80
CA MET A 32 15.24 11.48 12.32
C MET A 32 15.42 12.71 13.24
N ILE A 33 16.56 12.92 13.87
CA ILE A 33 16.65 14.02 14.87
C ILE A 33 16.21 15.40 14.37
N SER A 34 16.37 15.69 13.09
CA SER A 34 15.94 16.96 12.57
C SER A 34 14.45 17.08 12.27
N ARG A 35 13.59 16.09 12.54
CA ARG A 35 12.16 16.25 12.21
C ARG A 35 11.21 16.29 13.40
N THR A 36 9.94 16.48 13.12
CA THR A 36 9.03 16.92 14.12
C THR A 36 7.88 15.91 14.15
N PRO A 37 7.93 14.94 15.06
CA PRO A 37 6.89 13.94 15.00
C PRO A 37 5.75 14.43 15.81
N GLU A 38 4.55 14.28 15.23
CA GLU A 38 3.28 14.74 15.83
C GLU A 38 2.15 13.73 15.81
N VAL A 39 1.40 13.58 16.91
CA VAL A 39 0.15 12.84 16.80
C VAL A 39 -0.91 13.88 16.56
N THR A 40 -1.95 13.50 15.85
CA THR A 40 -2.95 14.48 15.36
C THR A 40 -4.33 13.93 15.71
N CYS A 41 -5.11 14.75 16.37
CA CYS A 41 -6.42 14.33 16.76
C CYS A 41 -7.41 15.09 15.91
N VAL A 42 -8.10 14.40 15.01
CA VAL A 42 -9.13 15.01 14.13
C VAL A 42 -10.57 14.62 14.48
N VAL A 43 -11.40 15.64 14.69
CA VAL A 43 -12.79 15.48 14.94
C VAL A 43 -13.63 15.96 13.74
N VAL A 44 -14.67 15.21 13.38
CA VAL A 44 -15.50 15.53 12.23
C VAL A 44 -17.00 15.33 12.52
N ASP A 45 -17.86 15.80 11.64
CA ASP A 45 -19.32 15.68 11.85
C ASP A 45 -19.75 16.53 13.05
N VAL A 46 -19.08 17.66 13.18
CA VAL A 46 -19.42 18.61 14.20
C VAL A 46 -20.53 19.50 13.67
N SER A 47 -21.63 19.60 14.37
CA SER A 47 -22.76 20.34 13.86
C SER A 47 -22.69 21.87 14.11
N HIS A 48 -23.60 22.59 13.44
CA HIS A 48 -23.80 24.04 13.60
C HIS A 48 -24.38 24.30 14.96
N GLU A 49 -25.27 23.42 15.39
CA GLU A 49 -25.91 23.69 16.65
C GLU A 49 -24.91 23.50 17.81
N ASP A 50 -23.93 22.59 17.70
CA ASP A 50 -23.01 22.26 18.84
C ASP A 50 -21.56 22.28 18.37
N PRO A 51 -21.09 23.44 18.00
CA PRO A 51 -19.89 23.47 17.20
C PRO A 51 -18.65 23.45 18.03
N GLU A 52 -18.76 23.66 19.31
CA GLU A 52 -17.57 23.82 20.06
C GLU A 52 -16.96 22.49 20.49
N VAL A 53 -15.70 22.31 20.14
CA VAL A 53 -14.95 21.13 20.50
C VAL A 53 -13.91 21.43 21.55
N LYS A 54 -13.67 20.55 22.51
CA LYS A 54 -12.69 20.87 23.51
C LYS A 54 -11.82 19.65 23.57
N PHE A 55 -10.48 19.86 23.60
CA PHE A 55 -9.51 18.76 23.60
C PHE A 55 -8.82 18.75 24.90
N ASN A 56 -8.52 17.55 25.43
CA ASN A 56 -7.55 17.42 26.49
C ASN A 56 -6.59 16.33 26.05
N TRP A 57 -5.31 16.47 26.39
CA TRP A 57 -4.27 15.61 25.89
C TRP A 57 -3.50 14.95 27.04
N TYR A 58 -3.16 13.67 26.90
CA TYR A 58 -2.44 12.99 28.03
C TYR A 58 -1.30 12.17 27.49
N VAL A 59 -0.20 12.16 28.23
CA VAL A 59 0.91 11.27 28.00
C VAL A 59 1.07 10.27 29.17
N ASP A 60 0.77 9.00 28.88
CA ASP A 60 0.77 7.93 29.93
C ASP A 60 0.04 8.49 31.16
N GLY A 61 -1.13 9.11 30.87
CA GLY A 61 -2.08 9.57 31.86
C GLY A 61 -1.93 10.99 32.40
N VAL A 62 -0.78 11.64 32.17
CA VAL A 62 -0.56 12.95 32.80
C VAL A 62 -0.99 14.01 31.78
N GLU A 63 -1.83 14.97 32.19
CA GLU A 63 -2.30 15.98 31.21
C GLU A 63 -1.19 16.91 30.73
N VAL A 64 -1.15 17.15 29.42
CA VAL A 64 -0.19 18.13 28.90
C VAL A 64 -0.87 19.32 28.27
N HIS A 65 -0.26 20.49 28.36
CA HIS A 65 -1.00 21.71 27.98
C HIS A 65 -0.43 22.47 26.79
N ASN A 66 0.20 21.81 25.83
CA ASN A 66 0.82 22.52 24.70
C ASN A 66 0.67 21.82 23.37
N ALA A 67 -0.50 21.31 23.09
CA ALA A 67 -0.88 21.01 21.75
C ALA A 67 -1.32 22.32 21.12
N LYS A 68 -1.25 22.37 19.81
CA LYS A 68 -1.65 23.48 19.03
C LYS A 68 -2.96 23.10 18.36
N THR A 69 -4.05 23.73 18.78
CA THR A 69 -5.36 23.46 18.23
C THR A 69 -5.77 24.47 17.14
N LYS A 70 -6.32 23.98 16.05
CA LYS A 70 -6.58 24.80 14.90
C LYS A 70 -8.01 25.26 14.96
N PRO A 71 -8.29 26.46 14.45
CA PRO A 71 -9.70 26.91 14.49
C PRO A 71 -10.54 25.97 13.65
N ARG A 72 -11.86 25.94 13.87
CA ARG A 72 -12.73 25.04 13.16
C ARG A 72 -12.68 25.39 11.72
N GLU A 73 -13.06 24.47 10.82
CA GLU A 73 -13.07 24.67 9.34
C GLU A 73 -14.32 23.96 8.75
N GLU A 74 -15.31 24.71 8.25
CA GLU A 74 -16.48 24.14 7.56
C GLU A 74 -16.15 23.32 6.33
N GLN A 75 -16.73 22.14 6.17
CA GLN A 75 -16.36 21.25 5.05
C GLN A 75 -17.38 21.33 3.93
N TYR A 76 -17.04 20.94 2.72
CA TYR A 76 -18.10 20.96 1.67
C TYR A 76 -19.42 20.28 2.04
N ASN A 77 -19.42 19.30 2.94
CA ASN A 77 -20.69 18.66 3.36
C ASN A 77 -21.40 19.32 4.54
N SER A 78 -21.07 20.55 4.90
CA SER A 78 -21.73 21.32 6.02
C SER A 78 -21.60 20.72 7.40
N THR A 79 -20.45 20.16 7.69
CA THR A 79 -20.11 19.78 9.03
C THR A 79 -18.75 20.43 9.33
N TYR A 80 -18.45 20.66 10.59
CA TYR A 80 -17.17 21.33 10.90
C TYR A 80 -16.08 20.26 11.07
N ARG A 81 -14.81 20.55 10.78
CA ARG A 81 -13.75 19.60 11.12
C ARG A 81 -12.82 20.35 12.05
N VAL A 82 -12.40 19.76 13.16
CA VAL A 82 -11.60 20.52 14.08
C VAL A 82 -10.47 19.63 14.39
N VAL A 83 -9.25 20.16 14.35
CA VAL A 83 -8.02 19.34 14.41
C VAL A 83 -7.14 19.79 15.57
N SER A 84 -6.47 18.86 16.23
CA SER A 84 -5.55 19.34 17.27
C SER A 84 -4.29 18.59 17.22
N VAL A 85 -3.12 19.28 17.18
CA VAL A 85 -1.79 18.64 16.95
C VAL A 85 -0.84 18.66 18.18
N LEU A 86 -0.20 17.54 18.53
CA LEU A 86 0.73 17.46 19.69
C LEU A 86 2.09 16.94 19.25
N THR A 87 3.13 17.66 19.57
CA THR A 87 4.41 17.24 19.07
C THR A 87 4.86 16.25 20.07
N VAL A 88 5.56 15.20 19.64
CA VAL A 88 6.01 14.19 20.63
C VAL A 88 7.50 14.16 20.68
N LEU A 89 8.08 14.13 21.86
CA LEU A 89 9.51 13.83 21.95
C LEU A 89 9.82 12.52 21.23
N HIS A 90 10.99 12.46 20.56
CA HIS A 90 11.38 11.32 19.70
C HIS A 90 11.52 10.12 20.58
N GLN A 91 12.24 10.31 21.67
CA GLN A 91 12.45 9.22 22.60
C GLN A 91 11.15 8.81 23.32
N ASP A 92 10.19 9.73 23.54
CA ASP A 92 8.92 9.32 24.16
C ASP A 92 8.25 8.34 23.22
N TRP A 93 7.93 8.81 22.02
CA TRP A 93 7.30 7.90 21.06
C TRP A 93 7.95 6.51 21.10
N LEU A 94 9.26 6.46 20.89
CA LEU A 94 10.01 5.25 20.76
C LEU A 94 10.02 4.38 21.99
N ASN A 95 9.89 4.97 23.18
CA ASN A 95 9.84 4.21 24.41
C ASN A 95 8.41 3.73 24.77
N GLY A 96 7.49 3.71 23.80
CA GLY A 96 6.17 3.25 24.03
C GLY A 96 5.22 4.14 24.77
N LYS A 97 5.58 5.41 25.05
CA LYS A 97 4.62 6.29 25.72
C LYS A 97 3.30 6.35 24.92
N GLU A 98 2.17 6.61 25.60
CA GLU A 98 0.82 6.46 25.01
C GLU A 98 0.16 7.81 24.98
N TYR A 99 -0.48 8.15 23.89
CA TYR A 99 -0.99 9.52 23.81
C TYR A 99 -2.47 9.42 23.74
N LYS A 100 -3.12 10.09 24.69
CA LYS A 100 -4.56 10.05 24.70
C LYS A 100 -5.08 11.35 24.25
N CYS A 101 -6.17 11.34 23.49
CA CYS A 101 -6.85 12.58 23.05
C CYS A 101 -8.28 12.51 23.52
N LYS A 102 -8.67 13.45 24.36
CA LYS A 102 -10.03 13.43 24.85
C LYS A 102 -10.78 14.57 24.25
N VAL A 103 -11.92 14.25 23.66
CA VAL A 103 -12.71 15.24 22.91
C VAL A 103 -14.10 15.44 23.57
N SER A 104 -14.49 16.69 23.80
CA SER A 104 -15.83 16.94 24.32
C SER A 104 -16.61 17.87 23.44
N ASN A 105 -17.92 17.69 23.50
CA ASN A 105 -18.80 18.37 22.59
C ASN A 105 -20.21 18.06 23.03
N LYS A 106 -21.07 19.07 23.01
CA LYS A 106 -22.34 19.02 23.73
C LYS A 106 -23.25 17.97 23.16
N ALA A 107 -23.07 17.67 21.87
CA ALA A 107 -23.89 16.68 21.18
C ALA A 107 -23.41 15.27 21.50
N LEU A 108 -22.37 15.14 22.33
CA LEU A 108 -21.97 13.77 22.68
C LEU A 108 -22.58 13.42 24.04
N PRO A 109 -23.09 12.17 24.18
CA PRO A 109 -23.56 11.64 25.50
C PRO A 109 -22.45 11.70 26.52
N ALA A 110 -21.24 11.35 26.08
CA ALA A 110 -20.05 11.55 26.92
C ALA A 110 -18.74 11.83 26.14
N PRO A 111 -17.76 12.47 26.78
CA PRO A 111 -16.52 12.66 26.00
C PRO A 111 -16.09 11.35 25.40
N ILE A 112 -15.49 11.45 24.22
CA ILE A 112 -14.80 10.35 23.55
C ILE A 112 -13.30 10.40 23.73
N GLU A 113 -12.68 9.25 24.01
CA GLU A 113 -11.22 9.15 24.27
C GLU A 113 -10.55 8.17 23.33
N LYS A 114 -9.54 8.61 22.58
CA LYS A 114 -8.70 7.65 21.83
C LYS A 114 -7.26 7.73 22.30
N THR A 115 -6.53 6.62 22.16
CA THR A 115 -5.14 6.50 22.63
C THR A 115 -4.27 5.84 21.53
N ILE A 116 -3.03 6.24 21.37
CA ILE A 116 -2.24 5.72 20.30
C ILE A 116 -0.85 5.80 20.87
N SER A 117 0.01 4.97 20.29
CA SER A 117 1.42 4.79 20.66
C SER A 117 2.09 3.94 19.54
N LYS A 118 3.40 3.73 19.58
CA LYS A 118 3.99 2.81 18.61
C LYS A 118 3.35 1.45 18.71
N ALA A 119 3.36 0.69 17.62
CA ALA A 119 2.91 -0.69 17.61
C ALA A 119 3.48 -1.42 18.84
N LYS A 120 2.73 -2.34 19.43
CA LYS A 120 3.14 -3.00 20.70
C LYS A 120 4.01 -4.26 20.60
N GLY A 121 4.04 -4.95 19.46
CA GLY A 121 4.96 -6.07 19.29
C GLY A 121 6.38 -6.06 19.87
N GLN A 122 7.04 -7.22 19.86
CA GLN A 122 8.45 -7.26 20.20
C GLN A 122 9.25 -6.76 18.99
N PRO A 123 10.07 -5.73 19.21
CA PRO A 123 10.84 -5.09 18.13
C PRO A 123 11.78 -6.08 17.47
N ARG A 124 12.06 -5.93 16.18
CA ARG A 124 12.91 -6.88 15.46
C ARG A 124 13.82 -6.22 14.39
N GLU A 125 15.13 -6.35 14.59
CA GLU A 125 16.18 -5.77 13.74
C GLU A 125 15.88 -6.13 12.28
N PRO A 126 15.96 -5.19 11.33
CA PRO A 126 15.75 -5.73 9.99
C PRO A 126 17.02 -6.28 9.47
N GLN A 127 16.93 -7.23 8.54
CA GLN A 127 18.04 -7.78 7.77
C GLN A 127 18.08 -7.02 6.46
N VAL A 128 19.28 -6.56 6.09
CA VAL A 128 19.43 -5.81 4.83
C VAL A 128 20.26 -6.60 3.83
N TYR A 129 19.73 -6.79 2.62
CA TYR A 129 20.49 -7.41 1.55
C TYR A 129 20.44 -6.62 0.25
N THR A 130 21.54 -6.65 -0.47
CA THR A 130 21.62 -5.95 -1.74
C THR A 130 21.65 -6.93 -2.90
N LEU A 131 21.08 -6.47 -4.00
CA LEU A 131 20.86 -7.32 -5.14
C LEU A 131 21.28 -6.65 -6.42
N PRO A 132 22.17 -7.33 -7.16
CA PRO A 132 22.67 -6.92 -8.48
C PRO A 132 21.52 -6.81 -9.49
N PRO A 133 21.72 -6.09 -10.63
CA PRO A 133 20.66 -6.04 -11.63
C PRO A 133 20.40 -7.43 -12.14
N CYS A 134 19.22 -7.62 -12.72
CA CYS A 134 18.86 -8.83 -13.39
C CYS A 134 19.89 -9.06 -14.49
N ARG A 135 20.34 -10.30 -14.66
CA ARG A 135 21.33 -10.57 -15.69
C ARG A 135 20.84 -10.16 -17.09
N ASP A 136 19.54 -10.10 -17.27
CA ASP A 136 18.94 -9.84 -18.60
C ASP A 136 18.63 -8.37 -18.95
N GLU A 137 18.65 -7.49 -17.95
CA GLU A 137 18.56 -6.05 -18.20
C GLU A 137 19.94 -5.42 -18.44
N LEU A 138 21.00 -6.24 -18.33
CA LEU A 138 22.40 -5.81 -18.51
C LEU A 138 22.70 -5.16 -19.86
N THR A 139 21.71 -5.16 -20.76
CA THR A 139 21.82 -4.52 -22.08
C THR A 139 21.21 -3.09 -22.11
N LYS A 140 19.90 -2.96 -21.92
CA LYS A 140 19.22 -1.63 -21.86
C LYS A 140 20.05 -0.65 -21.02
N ASN A 141 20.27 0.56 -21.53
CA ASN A 141 21.24 1.53 -20.92
C ASN A 141 20.83 2.25 -19.62
N GLN A 142 19.89 1.63 -18.92
CA GLN A 142 19.68 1.87 -17.50
C GLN A 142 19.38 0.57 -16.77
N VAL A 143 20.05 0.40 -15.62
CA VAL A 143 19.95 -0.81 -14.79
C VAL A 143 19.35 -0.55 -13.42
N SER A 144 19.08 -1.63 -12.70
CA SER A 144 18.33 -1.53 -11.47
C SER A 144 18.94 -2.28 -10.31
N LEU A 145 19.15 -1.54 -9.25
CA LEU A 145 19.79 -2.06 -8.10
C LEU A 145 18.72 -2.20 -7.05
N TRP A 146 18.75 -3.34 -6.38
CA TRP A 146 17.66 -3.71 -5.50
C TRP A 146 18.09 -3.94 -4.09
N CYS A 147 17.44 -3.24 -3.17
CA CYS A 147 17.70 -3.44 -1.76
C CYS A 147 16.55 -4.22 -1.10
N LEU A 148 16.85 -5.41 -0.57
CA LEU A 148 15.84 -6.14 0.18
C LEU A 148 16.08 -5.92 1.65
N VAL A 149 15.02 -5.47 2.31
CA VAL A 149 15.02 -5.25 3.74
C VAL A 149 13.91 -6.08 4.36
N LYS A 150 14.24 -6.89 5.36
CA LYS A 150 13.20 -7.76 5.90
C LYS A 150 13.31 -8.13 7.38
N GLY A 151 12.26 -8.75 7.90
CA GLY A 151 12.26 -9.23 9.25
C GLY A 151 12.11 -8.15 10.28
N PHE A 152 11.68 -6.95 9.86
CA PHE A 152 11.63 -5.83 10.80
C PHE A 152 10.29 -5.66 11.46
N TYR A 153 10.32 -5.10 12.67
CA TYR A 153 9.13 -4.76 13.40
C TYR A 153 9.46 -3.76 14.49
N PRO A 154 8.71 -2.63 14.58
CA PRO A 154 7.46 -2.33 13.89
C PRO A 154 7.77 -2.04 12.47
N SER A 155 6.71 -1.77 11.68
CA SER A 155 6.90 -1.46 10.24
C SER A 155 7.49 -0.09 9.98
N ASP A 156 7.53 0.81 10.97
CA ASP A 156 8.14 2.17 10.81
C ASP A 156 9.58 2.05 10.39
N ILE A 157 9.90 2.51 9.18
CA ILE A 157 11.29 2.38 8.74
C ILE A 157 11.70 3.47 7.74
N ALA A 158 13.00 3.61 7.46
CA ALA A 158 13.43 4.64 6.45
C ALA A 158 14.60 4.18 5.64
N VAL A 159 14.44 4.19 4.33
CA VAL A 159 15.47 3.66 3.43
C VAL A 159 16.00 4.67 2.39
N GLU A 160 17.31 4.69 2.15
CA GLU A 160 17.86 5.62 1.19
C GLU A 160 18.98 4.94 0.48
N TRP A 161 19.32 5.52 -0.66
CA TRP A 161 20.48 5.13 -1.40
C TRP A 161 21.55 6.22 -1.43
N GLU A 162 22.80 5.80 -1.57
CA GLU A 162 23.84 6.76 -1.75
C GLU A 162 25.11 6.22 -2.36
N SER A 163 25.83 7.10 -3.03
CA SER A 163 27.04 6.74 -3.71
C SER A 163 28.07 7.67 -3.18
N ASN A 164 29.30 7.19 -3.01
CA ASN A 164 30.37 8.01 -2.44
C ASN A 164 29.79 9.22 -1.66
N GLY A 165 29.33 8.96 -0.43
CA GLY A 165 28.89 10.02 0.48
C GLY A 165 27.59 10.70 0.11
N GLN A 166 27.41 10.96 -1.18
CA GLN A 166 26.25 11.67 -1.70
C GLN A 166 24.95 10.87 -1.71
N PRO A 167 23.82 11.56 -1.46
CA PRO A 167 22.52 10.92 -1.49
C PRO A 167 22.06 10.76 -2.92
N GLU A 168 21.53 9.59 -3.25
CA GLU A 168 21.01 9.32 -4.59
C GLU A 168 19.68 10.03 -4.86
N ASN A 169 19.13 9.83 -6.05
CA ASN A 169 18.05 10.68 -6.59
C ASN A 169 16.86 9.87 -7.06
N ASN A 170 17.08 9.14 -8.14
CA ASN A 170 16.06 8.26 -8.67
C ASN A 170 16.12 6.88 -8.02
N TYR A 171 15.42 6.72 -6.92
CA TYR A 171 15.10 5.39 -6.36
C TYR A 171 13.70 5.51 -5.87
N LYS A 172 13.01 4.38 -5.80
CA LYS A 172 11.65 4.34 -5.23
C LYS A 172 11.57 3.12 -4.30
N THR A 173 10.70 3.19 -3.31
CA THR A 173 10.56 2.11 -2.31
C THR A 173 9.11 1.62 -2.06
N THR A 174 8.95 0.30 -1.87
CA THR A 174 7.61 -0.28 -1.71
C THR A 174 7.21 0.01 -0.29
N PRO A 175 5.89 0.01 0.02
CA PRO A 175 5.65 0.18 1.46
C PRO A 175 6.05 -1.07 2.21
N PRO A 176 6.04 -1.03 3.54
CA PRO A 176 6.31 -2.32 4.17
C PRO A 176 5.19 -3.28 3.82
N VAL A 177 5.49 -4.57 3.79
CA VAL A 177 4.46 -5.58 3.60
C VAL A 177 4.50 -6.58 4.77
N LEU A 178 3.33 -7.01 5.23
CA LEU A 178 3.27 -7.95 6.34
C LEU A 178 3.69 -9.29 5.85
N ASP A 179 4.74 -9.81 6.45
CA ASP A 179 5.23 -11.15 6.11
C ASP A 179 4.48 -12.24 6.96
N SER A 180 4.69 -13.51 6.65
CA SER A 180 3.88 -14.55 7.30
C SER A 180 4.21 -14.85 8.76
N ASP A 181 5.36 -14.37 9.24
CA ASP A 181 5.81 -14.58 10.63
C ASP A 181 5.52 -13.34 11.52
N GLY A 182 4.72 -12.41 11.03
CA GLY A 182 4.44 -11.20 11.78
C GLY A 182 5.43 -10.04 11.56
N SER A 183 6.62 -10.31 11.02
CA SER A 183 7.52 -9.23 10.65
C SER A 183 7.15 -8.59 9.30
N PHE A 184 7.98 -7.65 8.81
CA PHE A 184 7.69 -6.88 7.60
C PHE A 184 8.91 -6.90 6.67
N PHE A 185 8.69 -6.71 5.38
CA PHE A 185 9.80 -6.50 4.44
C PHE A 185 9.33 -5.50 3.43
N LEU A 186 10.29 -4.86 2.77
CA LEU A 186 10.03 -4.07 1.57
C LEU A 186 11.21 -4.22 0.63
N TYR A 187 11.15 -3.58 -0.54
CA TYR A 187 12.30 -3.43 -1.43
C TYR A 187 12.45 -1.98 -1.86
N SER A 188 13.69 -1.55 -2.13
CA SER A 188 13.95 -0.25 -2.72
C SER A 188 14.66 -0.42 -4.06
N LYS A 189 14.21 0.31 -5.08
CA LYS A 189 14.77 0.16 -6.43
C LYS A 189 15.49 1.44 -6.86
N LEU A 190 16.69 1.30 -7.39
CA LEU A 190 17.46 2.48 -7.76
C LEU A 190 17.96 2.32 -9.17
N THR A 191 17.67 3.34 -9.97
CA THR A 191 18.05 3.40 -11.38
C THR A 191 19.26 4.28 -11.61
N VAL A 192 20.27 3.71 -12.29
CA VAL A 192 21.44 4.47 -12.75
C VAL A 192 21.75 4.07 -14.19
N ASP A 193 22.59 4.85 -14.87
CA ASP A 193 23.04 4.54 -16.24
C ASP A 193 23.83 3.25 -16.24
N LYS A 194 23.75 2.51 -17.34
CA LYS A 194 24.49 1.26 -17.44
C LYS A 194 25.93 1.53 -17.08
N SER A 195 26.49 2.58 -17.67
CA SER A 195 27.92 2.88 -17.61
C SER A 195 28.38 3.13 -16.18
N ARG A 196 27.54 3.78 -15.39
CA ARG A 196 27.82 4.00 -13.97
C ARG A 196 27.94 2.71 -13.17
N TRP A 197 27.12 1.70 -13.48
CA TRP A 197 27.27 0.39 -12.85
C TRP A 197 28.62 -0.16 -13.32
N GLN A 198 28.73 -0.38 -14.63
CA GLN A 198 29.87 -1.04 -15.22
C GLN A 198 31.25 -0.49 -14.85
N GLN A 199 31.29 0.73 -14.32
CA GLN A 199 32.55 1.36 -13.94
C GLN A 199 33.00 1.05 -12.51
N GLY A 200 32.37 0.05 -11.89
CA GLY A 200 32.77 -0.44 -10.57
C GLY A 200 32.51 0.47 -9.39
N ASN A 201 31.57 1.41 -9.55
CA ASN A 201 31.22 2.34 -8.47
C ASN A 201 30.53 1.63 -7.31
N VAL A 202 30.55 2.27 -6.13
CA VAL A 202 29.90 1.72 -4.95
C VAL A 202 28.60 2.41 -4.62
N PHE A 203 27.57 1.59 -4.55
CA PHE A 203 26.30 2.07 -4.16
C PHE A 203 25.98 1.48 -2.81
N SER A 204 25.21 2.24 -2.05
CA SER A 204 24.92 1.95 -0.66
C SER A 204 23.47 2.18 -0.34
N CYS A 205 22.90 1.15 0.29
CA CYS A 205 21.54 1.12 0.78
C CYS A 205 21.55 1.36 2.29
N SER A 206 20.91 2.46 2.72
CA SER A 206 20.85 2.84 4.16
C SER A 206 19.50 2.53 4.74
N VAL A 207 19.50 2.00 5.95
CA VAL A 207 18.26 1.70 6.62
C VAL A 207 18.27 2.23 8.03
N MET A 208 17.30 3.07 8.35
CA MET A 208 17.14 3.60 9.68
C MET A 208 15.92 2.88 10.25
N HIS A 209 16.07 2.31 11.44
CA HIS A 209 14.99 1.57 12.09
C HIS A 209 15.22 1.47 13.60
N GLU A 210 14.16 1.55 14.40
CA GLU A 210 14.38 1.67 15.87
C GLU A 210 15.21 0.56 16.45
N ALA A 211 15.20 -0.62 15.86
CA ALA A 211 15.82 -1.75 16.59
C ALA A 211 17.24 -1.97 16.22
N LEU A 212 17.74 -1.29 15.21
CA LEU A 212 19.17 -1.34 14.87
C LEU A 212 20.03 -0.47 15.82
N HIS A 213 21.27 -0.89 16.01
CA HIS A 213 22.21 -0.18 16.85
C HIS A 213 22.44 1.17 16.25
N ASN A 214 22.42 2.19 17.10
CA ASN A 214 22.46 3.56 16.61
C ASN A 214 21.33 3.81 15.58
N HIS A 215 20.26 3.01 15.58
CA HIS A 215 19.08 3.24 14.70
C HIS A 215 19.47 3.33 13.21
N TYR A 216 20.64 2.78 12.88
CA TYR A 216 21.14 2.89 11.53
C TYR A 216 22.07 1.74 11.09
N THR A 217 21.93 1.29 9.85
CA THR A 217 22.81 0.29 9.24
C THR A 217 22.83 0.46 7.71
N GLN A 218 23.88 -0.04 7.07
CA GLN A 218 24.15 0.38 5.73
C GLN A 218 24.75 -0.83 5.02
N LYS A 219 24.32 -1.13 3.79
CA LYS A 219 24.97 -2.18 2.94
C LYS A 219 25.22 -1.64 1.54
N SER A 220 26.29 -2.12 0.91
CA SER A 220 26.82 -1.53 -0.34
C SER A 220 27.03 -2.55 -1.45
N LEU A 221 26.97 -2.10 -2.70
CA LEU A 221 27.37 -2.99 -3.78
C LEU A 221 27.93 -2.34 -5.05
N SER A 222 28.65 -3.19 -5.82
CA SER A 222 29.34 -2.86 -7.06
C SER A 222 29.49 -4.14 -7.90
N LEU A 223 30.61 -4.29 -8.61
CA LEU A 223 30.81 -5.43 -9.54
C LEU A 223 31.73 -6.54 -9.01
N SER B 19 -24.62 7.64 0.37
CA SER B 19 -23.23 7.52 -0.16
C SER B 19 -23.17 6.45 -1.22
N VAL B 20 -22.38 6.69 -2.28
CA VAL B 20 -22.23 5.73 -3.40
C VAL B 20 -20.74 5.49 -3.73
N PHE B 21 -20.35 4.22 -3.88
CA PHE B 21 -18.99 3.80 -4.29
C PHE B 21 -19.06 2.75 -5.40
N LEU B 22 -18.14 2.81 -6.36
CA LEU B 22 -18.11 1.88 -7.50
C LEU B 22 -16.77 1.14 -7.62
N PHE B 23 -16.78 -0.19 -7.51
CA PHE B 23 -15.53 -1.03 -7.54
C PHE B 23 -15.21 -1.78 -8.88
N PRO B 24 -13.90 -2.02 -9.16
CA PRO B 24 -13.44 -2.89 -10.27
C PRO B 24 -13.29 -4.44 -9.98
N PRO B 25 -13.27 -5.25 -11.06
CA PRO B 25 -13.03 -6.68 -11.11
C PRO B 25 -11.64 -7.05 -10.63
N LYS B 26 -11.42 -8.32 -10.33
CA LYS B 26 -10.13 -8.77 -9.80
C LYS B 26 -9.32 -9.35 -10.96
N PRO B 27 -8.26 -8.62 -11.39
CA PRO B 27 -7.44 -8.88 -12.60
C PRO B 27 -7.47 -10.25 -13.28
N LYS B 28 -7.18 -11.34 -12.56
CA LYS B 28 -7.25 -12.68 -13.15
C LYS B 28 -8.65 -12.95 -13.77
N ASP B 29 -9.67 -12.27 -13.26
CA ASP B 29 -11.05 -12.47 -13.73
C ASP B 29 -11.22 -11.90 -15.10
N THR B 30 -10.58 -10.79 -15.34
CA THR B 30 -10.77 -10.09 -16.58
C THR B 30 -9.80 -10.62 -17.64
N LEU B 31 -8.66 -11.19 -17.23
CA LEU B 31 -7.69 -11.63 -18.23
C LEU B 31 -7.88 -13.06 -18.70
N MET B 32 -8.83 -13.79 -18.11
CA MET B 32 -9.02 -15.20 -18.43
C MET B 32 -10.37 -15.42 -19.04
N ILE B 33 -10.34 -15.93 -20.26
CA ILE B 33 -11.50 -16.18 -21.11
C ILE B 33 -12.69 -16.86 -20.45
N SER B 34 -12.50 -17.48 -19.29
CA SER B 34 -13.58 -18.30 -18.67
C SER B 34 -13.99 -17.89 -17.26
N ARG B 35 -13.08 -17.28 -16.51
CA ARG B 35 -13.37 -16.78 -15.18
C ARG B 35 -14.35 -15.61 -15.32
N THR B 36 -15.07 -15.24 -14.26
CA THR B 36 -16.14 -14.24 -14.40
C THR B 36 -15.82 -12.89 -13.73
N PRO B 37 -15.53 -11.83 -14.53
CA PRO B 37 -15.20 -10.52 -13.96
C PRO B 37 -16.42 -9.69 -13.58
N GLU B 38 -16.32 -9.02 -12.41
CA GLU B 38 -17.47 -8.33 -11.76
C GLU B 38 -17.09 -7.11 -10.93
N VAL B 39 -17.67 -5.97 -11.31
CA VAL B 39 -17.74 -4.75 -10.46
C VAL B 39 -18.41 -4.95 -9.08
N THR B 40 -18.97 -3.85 -8.54
CA THR B 40 -19.88 -3.76 -7.37
C THR B 40 -20.24 -2.25 -7.11
N CYS B 41 -21.55 -1.91 -7.14
CA CYS B 41 -22.08 -0.62 -6.64
C CYS B 41 -22.56 -0.87 -5.23
N VAL B 42 -21.68 -0.66 -4.27
CA VAL B 42 -22.04 -0.70 -2.85
C VAL B 42 -22.57 0.67 -2.36
N VAL B 43 -23.88 0.70 -2.10
CA VAL B 43 -24.58 1.84 -1.46
C VAL B 43 -24.55 1.66 0.09
N VAL B 44 -23.92 2.59 0.85
CA VAL B 44 -23.99 2.63 2.36
C VAL B 44 -24.92 3.75 2.94
N ASP B 45 -25.36 3.61 4.20
CA ASP B 45 -26.18 4.62 4.92
C ASP B 45 -27.60 4.84 4.38
N VAL B 46 -28.34 3.76 4.17
CA VAL B 46 -29.77 3.82 3.75
C VAL B 46 -30.70 3.79 4.97
N SER B 47 -31.54 4.82 5.07
CA SER B 47 -32.42 5.03 6.22
C SER B 47 -33.40 3.86 6.45
N HIS B 48 -33.62 3.51 7.72
CA HIS B 48 -34.78 2.70 8.11
C HIS B 48 -36.02 3.59 7.91
N GLU B 49 -35.79 4.90 7.74
CA GLU B 49 -36.79 5.88 7.29
C GLU B 49 -37.16 5.74 5.80
N ASP B 50 -36.16 5.78 4.91
CA ASP B 50 -36.37 5.63 3.45
C ASP B 50 -35.62 4.40 2.89
N PRO B 51 -36.25 3.20 3.02
CA PRO B 51 -35.54 1.92 2.83
C PRO B 51 -35.36 1.48 1.38
N GLU B 52 -36.16 2.04 0.48
CA GLU B 52 -36.18 1.67 -0.94
C GLU B 52 -35.10 2.37 -1.75
N VAL B 53 -34.35 1.55 -2.50
CA VAL B 53 -33.19 1.94 -3.30
C VAL B 53 -33.24 1.22 -4.66
N LYS B 54 -33.18 2.04 -5.72
CA LYS B 54 -33.37 1.67 -7.13
C LYS B 54 -32.07 1.93 -7.91
N PHE B 55 -31.66 0.96 -8.73
CA PHE B 55 -30.37 1.06 -9.43
C PHE B 55 -30.50 1.29 -10.91
N ASN B 56 -29.50 1.95 -11.48
CA ASN B 56 -29.44 2.21 -12.92
C ASN B 56 -27.99 2.24 -13.41
N TRP B 57 -27.42 1.08 -13.73
CA TRP B 57 -26.10 1.10 -14.33
C TRP B 57 -26.23 1.11 -15.85
N TYR B 58 -25.45 1.99 -16.48
CA TYR B 58 -25.27 2.08 -17.94
C TYR B 58 -23.81 1.67 -18.21
N VAL B 59 -23.53 1.31 -19.46
CA VAL B 59 -22.15 1.23 -19.92
C VAL B 59 -22.04 2.22 -21.07
N ASP B 60 -21.27 3.29 -20.84
CA ASP B 60 -21.12 4.35 -21.83
C ASP B 60 -22.44 5.15 -22.00
N GLY B 61 -23.17 5.31 -20.90
CA GLY B 61 -24.45 6.07 -20.89
C GLY B 61 -25.63 5.50 -21.69
N VAL B 62 -25.69 4.18 -21.81
CA VAL B 62 -26.79 3.46 -22.45
C VAL B 62 -27.15 2.28 -21.52
N GLU B 63 -28.45 2.10 -21.27
CA GLU B 63 -28.97 1.39 -20.09
C GLU B 63 -29.21 -0.15 -20.20
N VAL B 64 -28.58 -0.96 -19.34
CA VAL B 64 -28.94 -2.41 -19.25
C VAL B 64 -29.25 -2.92 -17.81
N HIS B 65 -30.00 -4.03 -17.73
CA HIS B 65 -30.63 -4.56 -16.49
C HIS B 65 -30.44 -6.07 -16.30
N ASN B 66 -29.36 -6.41 -15.61
CA ASN B 66 -28.88 -7.78 -15.46
C ASN B 66 -27.92 -7.76 -14.30
N ALA B 67 -27.92 -6.63 -13.61
CA ALA B 67 -27.32 -6.55 -12.31
C ALA B 67 -28.07 -7.47 -11.33
N LYS B 68 -27.32 -8.28 -10.60
CA LYS B 68 -27.79 -9.01 -9.40
C LYS B 68 -27.80 -8.07 -8.17
N THR B 69 -28.19 -8.57 -6.99
CA THR B 69 -28.42 -7.72 -5.79
C THR B 69 -28.16 -8.44 -4.43
N LYS B 70 -26.88 -8.71 -4.15
CA LYS B 70 -26.38 -9.70 -3.12
C LYS B 70 -27.33 -10.39 -2.07
N PRO B 71 -27.07 -11.69 -1.77
CA PRO B 71 -27.91 -12.49 -0.83
C PRO B 71 -28.02 -11.91 0.58
N ASN B 77 -24.94 -3.03 11.90
CA ASN B 77 -24.63 -2.46 13.22
C ASN B 77 -25.65 -1.38 13.57
N SER B 78 -25.60 -0.27 12.83
CA SER B 78 -26.59 0.80 12.90
C SER B 78 -27.44 0.84 11.60
N THR B 79 -26.89 0.28 10.53
CA THR B 79 -27.62 0.14 9.26
C THR B 79 -27.23 -1.13 8.46
N TYR B 80 -28.08 -1.48 7.51
CA TYR B 80 -27.71 -2.40 6.45
C TYR B 80 -27.11 -1.55 5.33
N ARG B 81 -25.92 -1.95 4.84
CA ARG B 81 -25.28 -1.35 3.66
C ARG B 81 -25.45 -2.18 2.36
N VAL B 82 -26.50 -1.85 1.59
CA VAL B 82 -27.07 -2.67 0.50
C VAL B 82 -26.24 -2.76 -0.81
N VAL B 83 -25.96 -4.01 -1.24
CA VAL B 83 -25.02 -4.32 -2.32
C VAL B 83 -25.66 -4.20 -3.73
N SER B 84 -25.11 -4.98 -4.67
CA SER B 84 -25.53 -5.04 -6.08
C SER B 84 -24.34 -5.41 -7.00
N VAL B 85 -24.49 -6.47 -7.80
CA VAL B 85 -23.40 -7.03 -8.61
C VAL B 85 -23.66 -7.10 -10.12
N LEU B 86 -22.69 -6.64 -10.90
CA LEU B 86 -22.75 -6.67 -12.36
C LEU B 86 -21.59 -7.48 -12.92
N THR B 87 -21.84 -8.09 -14.08
CA THR B 87 -20.81 -8.72 -14.88
C THR B 87 -20.45 -7.83 -16.05
N VAL B 88 -19.17 -7.81 -16.39
CA VAL B 88 -18.70 -6.93 -17.42
C VAL B 88 -18.09 -7.78 -18.54
N LEU B 89 -18.38 -7.46 -19.80
CA LEU B 89 -17.81 -8.25 -20.89
C LEU B 89 -16.30 -8.06 -20.84
N HIS B 90 -15.55 -9.13 -21.06
CA HIS B 90 -14.11 -9.06 -20.94
C HIS B 90 -13.60 -7.92 -21.80
N GLN B 91 -14.12 -7.86 -23.01
CA GLN B 91 -13.72 -6.87 -24.03
C GLN B 91 -14.07 -5.46 -23.59
N ASP B 92 -15.27 -5.30 -22.99
CA ASP B 92 -15.77 -4.02 -22.46
C ASP B 92 -14.75 -3.45 -21.47
N TRP B 93 -14.38 -4.24 -20.49
CA TRP B 93 -13.47 -3.78 -19.46
C TRP B 93 -12.03 -3.63 -19.92
N LEU B 94 -11.63 -4.35 -20.95
CA LEU B 94 -10.27 -4.18 -21.41
C LEU B 94 -10.20 -3.01 -22.33
N ASN B 95 -11.34 -2.67 -22.93
CA ASN B 95 -11.42 -1.45 -23.75
C ASN B 95 -11.91 -0.23 -22.91
N GLY B 96 -11.70 -0.34 -21.59
CA GLY B 96 -12.08 0.63 -20.57
C GLY B 96 -13.47 1.24 -20.69
N LYS B 97 -14.48 0.41 -20.88
CA LYS B 97 -15.83 0.92 -21.01
C LYS B 97 -16.17 1.65 -19.73
N GLU B 98 -17.00 2.67 -19.84
CA GLU B 98 -17.31 3.49 -18.69
C GLU B 98 -18.55 2.94 -18.02
N TYR B 99 -18.30 2.42 -16.81
CA TYR B 99 -19.30 1.67 -16.12
C TYR B 99 -20.09 2.57 -15.23
N LYS B 100 -21.04 3.27 -15.85
CA LYS B 100 -21.94 4.23 -15.19
C LYS B 100 -22.83 3.59 -14.11
N CYS B 101 -22.57 3.88 -12.83
CA CYS B 101 -23.51 3.51 -11.76
C CYS B 101 -24.42 4.71 -11.38
N LYS B 102 -25.70 4.42 -11.03
CA LYS B 102 -26.71 5.44 -10.64
C LYS B 102 -27.72 4.97 -9.55
N VAL B 103 -27.55 5.51 -8.35
CA VAL B 103 -28.38 5.15 -7.20
C VAL B 103 -29.31 6.33 -6.84
N SER B 104 -30.55 5.98 -6.54
CA SER B 104 -31.59 6.97 -6.25
C SER B 104 -32.39 6.66 -4.97
N ASN B 105 -32.28 7.54 -3.99
CA ASN B 105 -32.98 7.45 -2.71
C ASN B 105 -33.74 8.76 -2.49
N LYS B 106 -34.66 8.78 -1.54
CA LYS B 106 -35.41 9.98 -1.19
C LYS B 106 -34.65 10.86 -0.16
N ALA B 107 -33.52 10.34 0.32
CA ALA B 107 -32.64 11.05 1.28
C ALA B 107 -31.55 11.81 0.56
N LEU B 108 -31.63 11.85 -0.78
CA LEU B 108 -30.60 12.47 -1.66
C LEU B 108 -31.16 13.71 -2.44
N PRO B 109 -30.29 14.63 -2.93
CA PRO B 109 -30.82 15.81 -3.63
C PRO B 109 -31.11 15.55 -5.10
N ALA B 110 -30.06 15.20 -5.84
CA ALA B 110 -30.15 14.71 -7.20
C ALA B 110 -30.16 13.18 -7.12
N PRO B 111 -30.09 12.48 -8.28
CA PRO B 111 -29.68 11.08 -8.19
C PRO B 111 -28.13 10.98 -8.19
N ILE B 112 -27.52 10.17 -7.30
CA ILE B 112 -26.02 10.07 -7.22
C ILE B 112 -25.38 9.01 -8.14
N GLU B 113 -24.21 9.32 -8.69
CA GLU B 113 -23.67 8.57 -9.83
C GLU B 113 -22.15 8.40 -9.79
N LYS B 114 -21.68 7.16 -9.64
CA LYS B 114 -20.24 6.84 -9.73
C LYS B 114 -19.93 6.41 -11.16
N THR B 115 -18.66 6.34 -11.51
CA THR B 115 -18.24 6.10 -12.90
C THR B 115 -16.84 5.47 -12.97
N ILE B 116 -16.80 4.26 -13.51
CA ILE B 116 -15.61 3.44 -13.37
C ILE B 116 -15.08 2.89 -14.72
N SER B 117 -13.75 2.73 -14.73
CA SER B 117 -13.00 2.12 -15.82
C SER B 117 -11.68 1.55 -15.30
N LYS B 118 -11.00 0.75 -16.13
CA LYS B 118 -9.57 0.51 -15.92
C LYS B 118 -8.95 1.85 -16.28
N ALA B 119 -7.72 2.03 -15.87
CA ALA B 119 -7.01 3.26 -16.17
C ALA B 119 -6.82 3.45 -17.68
N LYS B 120 -7.23 4.61 -18.16
CA LYS B 120 -6.99 5.05 -19.53
C LYS B 120 -5.48 5.23 -19.73
N GLY B 121 -5.06 5.15 -21.00
CA GLY B 121 -3.66 5.38 -21.35
C GLY B 121 -3.19 4.21 -22.17
N GLN B 122 -1.99 4.34 -22.75
CA GLN B 122 -1.34 3.30 -23.54
C GLN B 122 -0.95 2.17 -22.61
N PRO B 123 -1.40 0.95 -22.91
CA PRO B 123 -0.97 -0.13 -22.04
C PRO B 123 0.48 -0.43 -22.25
N ARG B 124 1.22 -0.61 -21.18
CA ARG B 124 2.62 -0.96 -21.31
C ARG B 124 2.89 -2.28 -20.64
N GLU B 125 3.62 -3.07 -21.40
CA GLU B 125 4.00 -4.41 -21.07
C GLU B 125 5.01 -4.39 -19.95
N PRO B 126 4.80 -5.23 -18.93
CA PRO B 126 5.75 -5.45 -17.82
C PRO B 126 7.08 -6.07 -18.30
N GLN B 127 8.19 -5.80 -17.59
CA GLN B 127 9.44 -6.53 -17.76
C GLN B 127 9.58 -7.37 -16.52
N VAL B 128 9.97 -8.63 -16.70
CA VAL B 128 9.94 -9.58 -15.58
C VAL B 128 11.30 -10.15 -15.28
N CYS B 129 11.66 -10.22 -14.01
CA CYS B 129 13.02 -10.56 -13.63
C CYS B 129 13.14 -11.34 -12.35
N THR B 130 13.84 -12.46 -12.42
CA THR B 130 14.00 -13.26 -11.24
C THR B 130 15.32 -12.87 -10.67
N LEU B 131 15.38 -12.82 -9.34
CA LEU B 131 16.66 -12.62 -8.65
C LEU B 131 16.97 -13.70 -7.60
N PRO B 132 18.20 -14.25 -7.63
CA PRO B 132 18.60 -15.25 -6.65
C PRO B 132 18.84 -14.57 -5.32
N PRO B 133 19.04 -15.35 -4.23
CA PRO B 133 19.27 -14.69 -2.92
C PRO B 133 20.53 -13.80 -2.91
N SER B 134 20.64 -12.90 -1.93
CA SER B 134 21.89 -12.16 -1.70
C SER B 134 22.93 -13.09 -1.08
N ARG B 135 24.21 -12.86 -1.33
CA ARG B 135 25.24 -13.78 -0.83
C ARG B 135 25.32 -13.78 0.70
N ASP B 136 24.99 -12.66 1.33
CA ASP B 136 24.94 -12.64 2.78
C ASP B 136 23.79 -13.51 3.27
N GLU B 137 22.70 -13.58 2.51
CA GLU B 137 21.54 -14.38 2.91
C GLU B 137 21.83 -15.88 2.86
N LEU B 138 22.76 -16.28 2.01
CA LEU B 138 23.12 -17.69 1.90
C LEU B 138 23.45 -18.29 3.27
N THR B 139 23.92 -17.44 4.18
CA THR B 139 24.34 -17.87 5.51
C THR B 139 23.16 -18.02 6.49
N LYS B 140 21.99 -17.49 6.12
CA LYS B 140 20.79 -17.64 6.97
C LYS B 140 20.19 -19.03 6.81
N ASN B 141 18.98 -19.21 7.31
CA ASN B 141 18.39 -20.54 7.32
C ASN B 141 17.42 -20.86 6.18
N GLN B 142 16.78 -19.84 5.64
CA GLN B 142 15.95 -20.03 4.45
C GLN B 142 16.26 -18.88 3.48
N VAL B 143 16.09 -19.09 2.18
CA VAL B 143 16.48 -18.04 1.21
C VAL B 143 15.30 -17.24 0.68
N SER B 144 15.59 -16.05 0.18
CA SER B 144 14.56 -15.18 -0.39
C SER B 144 14.75 -14.95 -1.88
N LEU B 145 13.97 -15.71 -2.66
CA LEU B 145 13.97 -15.59 -4.10
C LEU B 145 13.10 -14.43 -4.50
N SER B 146 13.53 -13.65 -5.47
CA SER B 146 12.84 -12.40 -5.75
C SER B 146 12.38 -12.29 -7.19
N CYS B 147 11.20 -11.69 -7.39
CA CYS B 147 10.72 -11.42 -8.74
C CYS B 147 10.51 -9.91 -9.03
N ALA B 148 11.40 -9.31 -9.80
CA ALA B 148 11.18 -7.91 -10.12
C ALA B 148 10.23 -7.80 -11.31
N VAL B 149 9.26 -6.92 -11.18
CA VAL B 149 8.32 -6.73 -12.26
C VAL B 149 8.09 -5.25 -12.47
N LYS B 150 8.55 -4.75 -13.62
CA LYS B 150 8.57 -3.32 -13.80
C LYS B 150 8.03 -2.85 -15.15
N GLY B 151 7.83 -1.54 -15.26
CA GLY B 151 7.35 -0.86 -16.47
C GLY B 151 5.93 -1.15 -16.97
N PHE B 152 5.03 -1.59 -16.08
CA PHE B 152 3.72 -2.00 -16.58
C PHE B 152 2.64 -0.97 -16.43
N TYR B 153 1.72 -0.92 -17.38
CA TYR B 153 0.55 -0.05 -17.20
C TYR B 153 -0.60 -0.68 -17.95
N PRO B 154 -1.84 -0.59 -17.41
CA PRO B 154 -2.16 -0.09 -16.04
C PRO B 154 -1.65 -1.01 -14.94
N SER B 155 -1.94 -0.66 -13.69
CA SER B 155 -1.35 -1.34 -12.56
C SER B 155 -1.99 -2.73 -12.27
N ASP B 156 -3.09 -3.01 -12.96
CA ASP B 156 -3.83 -4.23 -12.79
C ASP B 156 -2.91 -5.39 -13.17
N ILE B 157 -2.62 -6.26 -12.21
CA ILE B 157 -1.67 -7.37 -12.36
C ILE B 157 -1.83 -8.52 -11.35
N ALA B 158 -1.11 -9.61 -11.58
CA ALA B 158 -1.31 -10.86 -10.88
C ALA B 158 -0.03 -11.68 -11.04
N VAL B 159 0.59 -12.02 -9.91
CA VAL B 159 1.88 -12.73 -9.84
C VAL B 159 1.73 -13.97 -8.97
N GLU B 160 2.42 -15.06 -9.32
CA GLU B 160 2.39 -16.30 -8.53
C GLU B 160 3.69 -17.08 -8.72
N TRP B 161 3.96 -18.01 -7.78
CA TRP B 161 5.14 -18.89 -7.82
C TRP B 161 4.78 -20.38 -7.85
N GLU B 162 5.50 -21.10 -8.70
CA GLU B 162 5.38 -22.55 -8.82
C GLU B 162 6.77 -23.14 -8.92
N SER B 163 6.92 -24.39 -8.45
CA SER B 163 8.17 -25.14 -8.60
C SER B 163 7.88 -26.54 -9.15
N ASN B 164 8.67 -26.96 -10.14
CA ASN B 164 8.40 -28.20 -10.90
C ASN B 164 6.92 -28.35 -11.27
N GLY B 165 6.29 -27.25 -11.68
CA GLY B 165 4.87 -27.24 -12.06
C GLY B 165 3.93 -27.64 -10.93
N GLN B 166 3.97 -26.88 -9.83
CA GLN B 166 3.18 -27.14 -8.63
C GLN B 166 3.06 -25.87 -7.79
N PRO B 167 1.82 -25.51 -7.35
CA PRO B 167 1.60 -24.22 -6.70
C PRO B 167 2.52 -24.02 -5.48
N GLU B 168 3.09 -22.82 -5.33
CA GLU B 168 3.88 -22.50 -4.15
C GLU B 168 3.05 -21.66 -3.22
N ASN B 169 3.32 -21.75 -1.92
CA ASN B 169 2.47 -21.07 -0.94
C ASN B 169 3.14 -19.88 -0.30
N ASN B 170 4.42 -20.03 0.01
CA ASN B 170 5.16 -19.09 0.84
C ASN B 170 5.75 -17.94 0.04
N TYR B 171 4.86 -17.04 -0.36
CA TYR B 171 5.26 -15.92 -1.14
C TYR B 171 4.36 -14.76 -0.82
N LYS B 172 4.95 -13.61 -0.62
CA LYS B 172 4.19 -12.38 -0.50
C LYS B 172 4.62 -11.42 -1.60
N THR B 173 3.74 -10.49 -1.92
CA THR B 173 3.97 -9.60 -3.05
C THR B 173 3.59 -8.17 -2.73
N THR B 174 4.47 -7.24 -3.06
CA THR B 174 4.29 -5.85 -2.67
C THR B 174 3.27 -5.34 -3.59
N PRO B 175 2.58 -4.28 -3.18
CA PRO B 175 1.65 -3.63 -4.08
C PRO B 175 2.41 -2.99 -5.22
N PRO B 176 1.67 -2.59 -6.25
CA PRO B 176 2.38 -1.90 -7.33
C PRO B 176 2.80 -0.51 -6.84
N VAL B 177 4.06 -0.13 -7.07
CA VAL B 177 4.49 1.26 -6.77
C VAL B 177 4.64 2.07 -8.04
N LEU B 178 4.06 3.29 -8.06
CA LEU B 178 4.10 4.23 -9.22
C LEU B 178 5.48 4.69 -9.52
N ASP B 179 5.85 4.69 -10.78
CA ASP B 179 7.21 5.12 -11.16
C ASP B 179 7.22 6.49 -11.87
N SER B 180 8.39 7.10 -11.94
CA SER B 180 8.53 8.43 -12.47
C SER B 180 8.08 8.61 -13.92
N ASP B 181 8.02 7.55 -14.71
CA ASP B 181 7.42 7.68 -16.04
C ASP B 181 5.91 7.26 -16.11
N GLY B 182 5.29 7.15 -14.93
CA GLY B 182 3.88 6.82 -14.85
C GLY B 182 3.59 5.34 -14.93
N SER B 183 4.59 4.55 -15.34
CA SER B 183 4.56 3.09 -15.31
C SER B 183 4.61 2.58 -13.85
N PHE B 184 4.45 1.27 -13.61
CA PHE B 184 4.50 0.69 -12.23
C PHE B 184 5.51 -0.41 -12.05
N PHE B 185 5.81 -0.73 -10.81
CA PHE B 185 6.60 -1.92 -10.53
C PHE B 185 6.26 -2.56 -9.17
N LEU B 186 6.76 -3.78 -8.98
CA LEU B 186 6.66 -4.47 -7.70
C LEU B 186 7.66 -5.57 -7.75
N VAL B 187 7.75 -6.25 -6.61
CA VAL B 187 8.58 -7.40 -6.44
C VAL B 187 7.75 -8.37 -5.65
N SER B 188 7.95 -9.66 -5.94
CA SER B 188 7.34 -10.72 -5.18
C SER B 188 8.42 -11.59 -4.56
N LYS B 189 8.33 -11.81 -3.26
CA LYS B 189 9.33 -12.63 -2.58
C LYS B 189 8.76 -13.96 -2.12
N LEU B 190 9.36 -15.01 -2.68
CA LEU B 190 9.06 -16.38 -2.34
C LEU B 190 10.16 -16.85 -1.44
N THR B 191 9.75 -17.49 -0.35
CA THR B 191 10.65 -17.92 0.70
C THR B 191 10.63 -19.41 0.71
N VAL B 192 11.80 -20.02 0.61
CA VAL B 192 11.91 -21.48 0.54
C VAL B 192 12.89 -22.01 1.59
N ASP B 193 12.78 -23.30 1.92
CA ASP B 193 13.76 -24.01 2.75
C ASP B 193 15.15 -23.97 2.12
N LYS B 194 16.16 -23.73 2.96
CA LYS B 194 17.56 -23.51 2.51
C LYS B 194 18.14 -24.65 1.67
N SER B 195 17.98 -25.88 2.18
CA SER B 195 18.45 -27.09 1.53
C SER B 195 17.92 -27.19 0.09
N ARG B 196 16.64 -26.89 -0.08
CA ARG B 196 15.94 -27.04 -1.34
C ARG B 196 16.54 -26.24 -2.50
N TRP B 197 16.85 -24.97 -2.26
CA TRP B 197 17.43 -24.10 -3.29
C TRP B 197 18.73 -24.72 -3.82
N GLN B 198 19.53 -25.20 -2.87
CA GLN B 198 20.79 -25.89 -3.14
C GLN B 198 20.68 -27.17 -3.93
N GLN B 199 19.58 -27.91 -3.76
CA GLN B 199 19.33 -29.06 -4.63
C GLN B 199 18.73 -28.57 -5.96
N GLY B 200 19.54 -27.77 -6.67
CA GLY B 200 19.24 -27.16 -7.98
C GLY B 200 17.81 -27.00 -8.47
N ASN B 201 16.85 -26.91 -7.56
CA ASN B 201 15.47 -26.87 -7.96
C ASN B 201 15.18 -25.65 -8.79
N VAL B 202 14.57 -25.87 -9.97
CA VAL B 202 14.06 -24.76 -10.76
C VAL B 202 12.78 -24.26 -10.12
N PHE B 203 12.78 -22.97 -9.81
CA PHE B 203 11.64 -22.27 -9.25
C PHE B 203 11.14 -21.20 -10.20
N SER B 204 9.83 -20.95 -10.18
CA SER B 204 9.21 -20.14 -11.24
C SER B 204 8.25 -19.04 -10.83
N CYS B 205 8.46 -17.88 -11.44
CA CYS B 205 7.62 -16.72 -11.22
C CYS B 205 6.66 -16.59 -12.43
N SER B 206 5.36 -16.41 -12.20
CA SER B 206 4.39 -16.35 -13.32
C SER B 206 3.59 -15.07 -13.24
N VAL B 207 3.46 -14.36 -14.35
CA VAL B 207 2.87 -13.04 -14.31
C VAL B 207 1.76 -12.86 -15.34
N MET B 208 0.66 -12.23 -14.94
CA MET B 208 -0.44 -12.09 -15.88
C MET B 208 -0.87 -10.63 -16.03
N HIS B 209 -0.97 -10.14 -17.26
CA HIS B 209 -1.20 -8.69 -17.50
C HIS B 209 -1.64 -8.54 -18.94
N GLU B 210 -2.55 -7.61 -19.18
CA GLU B 210 -3.12 -7.38 -20.53
C GLU B 210 -2.13 -7.11 -21.67
N ALA B 211 -1.01 -6.47 -21.35
CA ALA B 211 -0.15 -5.97 -22.41
C ALA B 211 0.75 -7.07 -22.96
N LEU B 212 0.80 -8.18 -22.21
CA LEU B 212 1.49 -9.35 -22.68
C LEU B 212 0.80 -10.08 -23.83
N HIS B 213 1.65 -10.67 -24.69
CA HIS B 213 1.32 -11.81 -25.54
C HIS B 213 0.86 -12.95 -24.64
N ASN B 214 -0.41 -13.32 -24.83
CA ASN B 214 -1.07 -14.39 -24.08
C ASN B 214 -1.39 -14.05 -22.62
N HIS B 215 -1.28 -12.76 -22.29
CA HIS B 215 -1.51 -12.29 -20.95
C HIS B 215 -0.76 -13.10 -19.89
N TYR B 216 0.34 -13.74 -20.31
CA TYR B 216 1.12 -14.59 -19.42
C TYR B 216 2.58 -14.55 -19.83
N THR B 217 3.43 -14.89 -18.87
CA THR B 217 4.84 -15.12 -19.09
C THR B 217 5.37 -15.81 -17.82
N GLN B 218 6.20 -16.81 -18.02
CA GLN B 218 6.92 -17.37 -16.95
C GLN B 218 8.31 -16.79 -17.07
N LYS B 219 9.02 -16.77 -15.94
CA LYS B 219 10.47 -16.65 -15.87
C LYS B 219 10.89 -17.51 -14.65
N SER B 220 12.10 -18.09 -14.70
CA SER B 220 12.49 -19.14 -13.74
C SER B 220 13.98 -19.14 -13.44
N LEU B 221 14.35 -19.64 -12.26
CA LEU B 221 15.75 -19.60 -11.83
C LEU B 221 16.07 -20.72 -10.85
N SER B 222 17.36 -21.01 -10.71
CA SER B 222 17.82 -22.13 -9.92
C SER B 222 19.31 -22.01 -9.67
N LEU B 223 19.78 -22.51 -8.53
CA LEU B 223 21.19 -22.48 -8.12
C LEU B 223 22.18 -21.72 -9.05
#